data_8DIP
#
_entry.id   8DIP
#
_cell.length_a   89.316
_cell.length_b   89.316
_cell.length_c   134.121
_cell.angle_alpha   90.000
_cell.angle_beta   90.000
_cell.angle_gamma   90.000
#
_symmetry.space_group_name_H-M   'I 4 2 2'
#
loop_
_entity.id
_entity.type
_entity.pdbx_description
1 polymer 'Protein PA-X'
2 non-polymer 'MANGANESE (II) ION'
3 non-polymer 'Hexa Vinylpyrrolidone K15'
4 non-polymer (2P)-5-hydroxy-N-[2-(2-methoxypyridin-4-yl)ethyl]-6-oxo-2-[3-(trifluoromethyl)phenyl]-1,6-dihydropyrimidine-4-carboxamide
5 non-polymer 'SULFATE ION'
6 water water
#
_entity_poly.entity_id   1
_entity_poly.type   'polypeptide(L)'
_entity_poly.pdbx_seq_one_letter_code
;MGSSHHHHHHSSGLVPRGSHMEDFVRQCFNPMIVELAEKAMKEYGEDPKIETNKFAATCTHLEVCFMYSDGGSKHRFEII
EGRDRIMAWTVVNSICNTTGVEKPKFLPDLYDYKENRFIEIGVTRREVHIYYLEKANKIKSEKTHIHIFSFTGEEMATKA
DYTLDEESRARIKTRLFTIRQEMASRSLWDSFRQSER
;
_entity_poly.pdbx_strand_id   A
#
loop_
_chem_comp.id
_chem_comp.type
_chem_comp.name
_chem_comp.formula
MN non-polymer 'MANGANESE (II) ION' 'Mn 2'
QQ4 non-polymer 'Hexa Vinylpyrrolidone K15' 'C36 H56 N6 O6'
SE9 non-polymer (2P)-5-hydroxy-N-[2-(2-methoxypyridin-4-yl)ethyl]-6-oxo-2-[3-(trifluoromethyl)phenyl]-1,6-dihydropyrimidine-4-carboxamide 'C20 H17 F3 N4 O4'
SO4 non-polymer 'SULFATE ION' 'O4 S -2'
#
# COMPACT_ATOMS: atom_id res chain seq x y z
N ARG A 17 9.53 -20.55 12.12
CA ARG A 17 10.84 -20.26 11.54
C ARG A 17 11.12 -21.15 10.34
N GLY A 18 11.91 -20.63 9.40
CA GLY A 18 12.31 -21.40 8.23
C GLY A 18 11.21 -21.60 7.22
N SER A 19 10.51 -20.53 6.87
CA SER A 19 9.44 -20.58 5.88
C SER A 19 9.96 -20.13 4.53
N HIS A 20 9.52 -20.82 3.47
CA HIS A 20 9.88 -20.41 2.12
C HIS A 20 9.38 -19.00 1.81
N MET A 21 8.23 -18.63 2.38
CA MET A 21 7.70 -17.28 2.18
C MET A 21 8.69 -16.23 2.66
N GLU A 22 9.32 -16.47 3.81
CA GLU A 22 10.25 -15.49 4.38
C GLU A 22 11.46 -15.31 3.49
N ASP A 23 12.05 -16.40 3.00
CA ASP A 23 13.24 -16.30 2.17
C ASP A 23 12.92 -15.70 0.81
N PHE A 24 11.69 -15.90 0.31
CA PHE A 24 11.32 -15.26 -0.95
C PHE A 24 11.11 -13.76 -0.77
N VAL A 25 10.45 -13.36 0.32
CA VAL A 25 10.26 -11.94 0.62
C VAL A 25 11.62 -11.26 0.74
N ARG A 26 12.57 -11.89 1.44
CA ARG A 26 13.90 -11.30 1.59
C ARG A 26 14.66 -11.28 0.27
N GLN A 27 14.38 -12.22 -0.62
CA GLN A 27 15.05 -12.27 -1.91
C GLN A 27 14.37 -11.39 -2.97
N CYS A 28 13.06 -11.21 -2.87
CA CYS A 28 12.31 -10.49 -3.89
C CYS A 28 12.27 -8.98 -3.65
N PHE A 29 12.06 -8.56 -2.41
CA PHE A 29 11.82 -7.15 -2.12
C PHE A 29 13.11 -6.44 -1.71
N ASN A 30 13.01 -5.12 -1.63
CA ASN A 30 14.17 -4.29 -1.32
C ASN A 30 14.58 -4.49 0.14
N PRO A 31 15.89 -4.49 0.43
CA PRO A 31 16.32 -4.57 1.84
C PRO A 31 15.73 -3.48 2.71
N MET A 32 15.66 -2.25 2.19
CA MET A 32 15.05 -1.18 2.97
C MET A 32 13.56 -1.41 3.16
N ILE A 33 12.86 -1.88 2.12
CA ILE A 33 11.43 -2.15 2.25
C ILE A 33 11.19 -3.29 3.23
N VAL A 34 12.03 -4.33 3.16
CA VAL A 34 11.95 -5.43 4.12
C VAL A 34 12.16 -4.90 5.54
N GLU A 35 13.15 -4.04 5.73
CA GLU A 35 13.39 -3.44 7.04
C GLU A 35 12.20 -2.58 7.47
N LEU A 36 11.63 -1.82 6.54
CA LEU A 36 10.49 -0.97 6.86
C LEU A 36 9.25 -1.79 7.18
N ALA A 37 9.07 -2.92 6.48
CA ALA A 37 7.94 -3.78 6.78
C ALA A 37 8.11 -4.51 8.11
N GLU A 38 9.35 -4.84 8.48
CA GLU A 38 9.59 -5.52 9.74
C GLU A 38 9.26 -4.63 10.93
N LYS A 39 9.62 -3.35 10.86
CA LYS A 39 9.30 -2.44 11.95
C LYS A 39 7.80 -2.26 12.11
N ALA A 40 7.07 -2.18 11.00
CA ALA A 40 5.62 -2.01 11.07
C ALA A 40 4.94 -3.21 11.71
N MET A 41 5.43 -4.41 11.43
CA MET A 41 4.85 -5.61 12.04
C MET A 41 5.29 -5.75 13.49
N LYS A 42 6.56 -5.45 13.79
CA LYS A 42 7.00 -5.40 15.18
C LYS A 42 6.13 -4.46 16.00
N GLU A 43 5.94 -3.24 15.48
CA GLU A 43 5.22 -2.21 16.24
C GLU A 43 3.77 -2.58 16.48
N TYR A 44 3.15 -3.31 15.54
CA TYR A 44 1.74 -3.68 15.65
C TYR A 44 1.55 -5.10 16.20
N GLY A 45 2.56 -5.64 16.88
CA GLY A 45 2.41 -6.92 17.54
C GLY A 45 2.33 -8.12 16.63
N GLU A 46 3.00 -8.08 15.48
CA GLU A 46 3.03 -9.20 14.55
C GLU A 46 4.46 -9.60 14.30
N ASP A 47 4.64 -10.84 13.84
CA ASP A 47 5.96 -11.44 13.69
C ASP A 47 6.19 -11.88 12.25
N PRO A 48 7.04 -11.21 11.49
CA PRO A 48 7.29 -11.64 10.11
C PRO A 48 7.89 -13.03 10.00
N LYS A 49 8.51 -13.54 11.08
CA LYS A 49 9.07 -14.88 11.04
C LYS A 49 7.98 -15.94 10.92
N ILE A 50 6.81 -15.70 11.51
CA ILE A 50 5.71 -16.64 11.48
C ILE A 50 4.54 -16.13 10.65
N GLU A 51 4.20 -14.85 10.79
CA GLU A 51 3.12 -14.23 10.00
C GLU A 51 3.65 -13.86 8.61
N THR A 52 4.10 -14.88 7.89
CA THR A 52 4.93 -14.66 6.71
C THR A 52 4.13 -14.15 5.52
N ASN A 53 2.83 -14.48 5.44
CA ASN A 53 2.03 -13.99 4.33
C ASN A 53 1.72 -12.51 4.48
N LYS A 54 1.32 -12.09 5.69
CA LYS A 54 1.17 -10.66 5.95
C LYS A 54 2.50 -9.92 5.82
N PHE A 55 3.62 -10.63 5.99
CA PHE A 55 4.92 -10.04 5.70
C PHE A 55 5.06 -9.74 4.21
N ALA A 56 4.62 -10.67 3.35
CA ALA A 56 4.67 -10.43 1.92
C ALA A 56 3.71 -9.34 1.49
N ALA A 57 2.56 -9.23 2.16
CA ALA A 57 1.60 -8.18 1.79
C ALA A 57 2.08 -6.81 2.24
N THR A 58 2.70 -6.73 3.42
CA THR A 58 3.21 -5.44 3.90
C THR A 58 4.32 -4.94 2.99
N CYS A 59 5.18 -5.83 2.50
CA CYS A 59 6.23 -5.42 1.58
C CYS A 59 5.65 -4.97 0.26
N THR A 60 4.68 -5.71 -0.28
CA THR A 60 4.05 -5.33 -1.53
C THR A 60 3.38 -3.97 -1.41
N HIS A 61 2.61 -3.76 -0.34
CA HIS A 61 1.93 -2.49 -0.14
C HIS A 61 2.92 -1.35 -0.04
N LEU A 62 4.05 -1.57 0.63
CA LEU A 62 5.07 -0.54 0.76
C LEU A 62 5.64 -0.16 -0.60
N GLU A 63 6.01 -1.15 -1.39
CA GLU A 63 6.61 -0.88 -2.70
C GLU A 63 5.64 -0.11 -3.58
N VAL A 64 4.39 -0.57 -3.68
CA VAL A 64 3.38 0.10 -4.49
C VAL A 64 3.23 1.55 -4.03
N CYS A 65 3.19 1.77 -2.72
CA CYS A 65 3.09 3.14 -2.20
C CYS A 65 4.27 3.99 -2.64
N PHE A 66 5.46 3.39 -2.74
CA PHE A 66 6.65 4.15 -3.12
C PHE A 66 6.69 4.44 -4.62
N MET A 67 6.32 3.47 -5.44
CA MET A 67 6.23 3.73 -6.89
C MET A 67 5.18 4.79 -7.18
N TYR A 68 4.07 4.76 -6.44
CA TYR A 68 2.99 5.72 -6.64
C TYR A 68 3.46 7.15 -6.37
N SER A 69 4.18 7.35 -5.26
CA SER A 69 4.70 8.68 -4.97
C SER A 69 5.74 9.12 -5.99
N ASP A 70 6.39 8.16 -6.65
CA ASP A 70 7.35 8.48 -7.71
C ASP A 70 6.67 8.79 -9.04
N GLY A 71 5.35 8.62 -9.15
CA GLY A 71 4.67 8.80 -10.42
C GLY A 71 4.35 10.24 -10.77
N GLY A 72 4.21 11.11 -9.78
CA GLY A 72 3.83 12.49 -10.00
C GLY A 72 5.03 13.39 -10.24
N SER A 73 4.90 14.64 -9.79
CA SER A 73 5.98 15.61 -9.87
C SER A 73 6.91 15.43 -8.67
N LYS A 74 7.92 16.30 -8.57
CA LYS A 74 8.91 16.20 -7.51
C LYS A 74 8.28 16.41 -6.15
N HIS A 75 7.67 17.59 -5.94
CA HIS A 75 7.00 17.93 -4.69
C HIS A 75 5.53 17.55 -4.71
N ARG A 76 5.15 16.53 -5.48
CA ARG A 76 3.74 16.23 -5.68
C ARG A 76 3.13 15.55 -4.45
N PHE A 77 3.79 14.51 -3.93
CA PHE A 77 3.24 13.69 -2.88
C PHE A 77 4.05 13.82 -1.59
N GLU A 78 3.36 13.62 -0.47
CA GLU A 78 3.99 13.50 0.85
C GLU A 78 3.74 12.09 1.35
N ILE A 79 4.81 11.33 1.57
CA ILE A 79 4.69 9.92 1.91
C ILE A 79 4.40 9.79 3.40
N ILE A 80 3.26 9.20 3.72
CA ILE A 80 2.87 8.93 5.11
C ILE A 80 3.20 7.50 5.50
N GLU A 81 2.85 6.55 4.65
CA GLU A 81 3.17 5.14 4.90
C GLU A 81 4.67 4.94 4.95
N GLY A 82 5.12 4.03 5.81
CA GLY A 82 6.54 3.78 5.99
C GLY A 82 7.19 4.59 7.08
N ARG A 83 6.42 5.37 7.84
CA ARG A 83 6.91 6.10 9.00
C ARG A 83 6.32 5.50 10.26
N ASP A 84 7.06 5.61 11.37
CA ASP A 84 6.53 5.10 12.63
C ASP A 84 5.25 5.86 13.00
N ARG A 85 4.37 5.17 13.72
CA ARG A 85 3.00 5.64 13.92
C ARG A 85 2.96 7.06 14.46
N ILE A 86 3.90 7.42 15.32
CA ILE A 86 3.86 8.74 15.95
C ILE A 86 4.27 9.82 14.95
N MET A 87 5.32 9.56 14.16
CA MET A 87 5.77 10.53 13.17
C MET A 87 4.79 10.65 12.02
N ALA A 88 4.10 9.56 11.68
CA ALA A 88 3.10 9.62 10.62
C ALA A 88 1.94 10.53 11.00
N TRP A 89 1.50 10.46 12.26
CA TRP A 89 0.41 11.31 12.70
C TRP A 89 0.84 12.76 12.84
N THR A 90 2.13 13.01 13.04
CA THR A 90 2.60 14.39 13.17
C THR A 90 2.54 15.11 11.84
N VAL A 91 2.92 14.44 10.76
CA VAL A 91 2.96 15.11 9.45
C VAL A 91 1.56 15.36 8.92
N VAL A 92 0.60 14.48 9.23
CA VAL A 92 -0.76 14.75 8.79
C VAL A 92 -1.35 15.91 9.59
N ASN A 93 -0.88 16.12 10.82
CA ASN A 93 -1.32 17.28 11.57
C ASN A 93 -0.83 18.57 10.92
N SER A 94 0.44 18.57 10.48
CA SER A 94 0.96 19.73 9.76
C SER A 94 0.24 19.92 8.43
N ILE A 95 -0.09 18.82 7.75
CA ILE A 95 -0.83 18.92 6.49
C ILE A 95 -2.23 19.47 6.74
N CYS A 96 -2.90 18.99 7.79
CA CYS A 96 -4.24 19.47 8.09
C CYS A 96 -4.22 20.92 8.56
N ASN A 97 -3.20 21.30 9.31
CA ASN A 97 -3.16 22.63 9.91
C ASN A 97 -2.69 23.72 8.95
N THR A 98 -2.08 23.36 7.82
CA THR A 98 -1.66 24.34 6.83
C THR A 98 -2.51 24.35 5.57
N THR A 99 -3.24 23.26 5.28
CA THR A 99 -4.14 23.23 4.14
C THR A 99 -5.59 23.48 4.52
N GLY A 100 -6.06 22.88 5.61
CA GLY A 100 -7.44 22.98 6.03
C GLY A 100 -8.25 21.72 5.85
N VAL A 101 -7.65 20.65 5.33
CA VAL A 101 -8.37 19.39 5.16
C VAL A 101 -8.62 18.76 6.52
N GLU A 102 -9.74 18.06 6.63
CA GLU A 102 -10.10 17.42 7.89
C GLU A 102 -9.18 16.25 8.21
N LYS A 103 -9.01 16.00 9.50
CA LYS A 103 -8.14 14.93 9.98
C LYS A 103 -8.72 13.58 9.61
N PRO A 104 -7.99 12.74 8.86
CA PRO A 104 -8.52 11.41 8.53
C PRO A 104 -8.75 10.57 9.78
N LYS A 105 -9.70 9.64 9.67
CA LYS A 105 -10.03 8.75 10.77
C LYS A 105 -8.83 7.90 11.13
N PHE A 106 -8.51 6.92 10.28
CA PHE A 106 -7.31 6.11 10.43
C PHE A 106 -6.20 6.68 9.55
N LEU A 107 -5.00 6.13 9.74
CA LEU A 107 -3.82 6.65 9.06
C LEU A 107 -3.90 6.37 7.56
N PRO A 108 -3.70 7.37 6.71
CA PRO A 108 -3.64 7.10 5.26
C PRO A 108 -2.23 6.78 4.79
N ASP A 109 -2.03 6.78 3.47
CA ASP A 109 -0.75 6.44 2.88
C ASP A 109 -0.01 7.63 2.28
N LEU A 110 -0.71 8.50 1.56
CA LEU A 110 -0.10 9.64 0.89
C LEU A 110 -0.93 10.89 1.14
N TYR A 111 -0.40 12.02 0.67
CA TYR A 111 -1.17 13.24 0.53
C TYR A 111 -0.82 13.87 -0.81
N ASP A 112 -1.85 14.38 -1.50
CA ASP A 112 -1.69 14.97 -2.83
C ASP A 112 -1.61 16.49 -2.68
N TYR A 113 -0.42 17.04 -2.91
CA TYR A 113 -0.28 18.49 -2.88
C TYR A 113 -0.89 19.15 -4.11
N LYS A 114 -1.10 18.40 -5.18
CA LYS A 114 -1.73 18.92 -6.40
C LYS A 114 -3.24 18.87 -6.33
N GLU A 115 -3.80 17.77 -5.84
CA GLU A 115 -5.25 17.60 -5.75
C GLU A 115 -5.82 17.97 -4.39
N ASN A 116 -4.96 18.23 -3.40
CA ASN A 116 -5.38 18.67 -2.06
C ASN A 116 -6.27 17.65 -1.38
N ARG A 117 -5.73 16.44 -1.20
CA ARG A 117 -6.48 15.36 -0.58
C ARG A 117 -5.53 14.24 -0.20
N PHE A 118 -5.90 13.52 0.85
CA PHE A 118 -5.16 12.32 1.24
C PHE A 118 -5.50 11.16 0.30
N ILE A 119 -4.61 10.17 0.26
CA ILE A 119 -4.78 9.02 -0.61
C ILE A 119 -4.64 7.75 0.22
N GLU A 120 -5.52 6.79 -0.03
CA GLU A 120 -5.45 5.47 0.58
C GLU A 120 -5.15 4.44 -0.50
N ILE A 121 -3.97 3.85 -0.45
CA ILE A 121 -3.55 2.85 -1.42
C ILE A 121 -4.01 1.48 -0.94
N GLY A 122 -4.44 0.63 -1.86
CA GLY A 122 -4.85 -0.70 -1.52
C GLY A 122 -4.35 -1.75 -2.50
N VAL A 123 -3.88 -2.87 -1.98
CA VAL A 123 -3.47 -4.01 -2.80
C VAL A 123 -4.25 -5.22 -2.34
N THR A 124 -4.92 -5.88 -3.28
CA THR A 124 -5.89 -6.91 -2.96
C THR A 124 -5.58 -8.21 -3.70
N ARG A 125 -6.05 -9.31 -3.12
CA ARG A 125 -6.01 -10.63 -3.74
C ARG A 125 -7.40 -11.11 -4.12
N ARG A 126 -8.31 -10.17 -4.37
CA ARG A 126 -9.72 -10.47 -4.66
C ARG A 126 -10.19 -9.50 -5.73
N GLU A 127 -11.51 -9.45 -5.93
CA GLU A 127 -12.08 -8.44 -6.82
C GLU A 127 -11.77 -7.05 -6.30
N VAL A 128 -11.38 -6.15 -7.20
CA VAL A 128 -11.13 -4.77 -6.83
C VAL A 128 -12.38 -4.11 -6.26
N HIS A 129 -13.55 -4.68 -6.54
CA HIS A 129 -14.81 -4.15 -6.03
C HIS A 129 -14.91 -4.31 -4.52
N ILE A 130 -14.66 -5.51 -4.02
CA ILE A 130 -14.91 -5.81 -2.61
C ILE A 130 -14.03 -4.96 -1.71
N TYR A 131 -12.72 -4.93 -1.98
CA TYR A 131 -11.79 -4.24 -1.10
C TYR A 131 -12.17 -2.77 -0.93
N TYR A 132 -12.44 -2.07 -2.04
CA TYR A 132 -12.77 -0.65 -1.94
C TYR A 132 -13.98 -0.42 -1.05
N LEU A 133 -15.02 -1.27 -1.20
CA LEU A 133 -16.16 -1.18 -0.29
C LEU A 133 -15.72 -1.30 1.17
N GLU A 134 -14.81 -2.23 1.46
CA GLU A 134 -14.26 -2.35 2.81
C GLU A 134 -13.50 -1.09 3.21
N LYS A 135 -12.61 -0.62 2.33
CA LYS A 135 -11.84 0.59 2.62
C LYS A 135 -12.72 1.83 2.68
N ALA A 136 -13.91 1.79 2.10
CA ALA A 136 -14.80 2.95 2.12
C ALA A 136 -15.66 2.99 3.38
N ASN A 137 -15.99 1.84 3.94
CA ASN A 137 -16.87 1.80 5.11
C ASN A 137 -16.19 2.27 6.39
N LYS A 138 -14.86 2.26 6.44
CA LYS A 138 -14.14 2.71 7.62
C LYS A 138 -13.72 4.18 7.54
N ILE A 139 -13.85 4.81 6.38
CA ILE A 139 -13.58 6.24 6.24
C ILE A 139 -14.86 6.95 5.87
N LYS A 140 -15.76 7.11 6.85
CA LYS A 140 -17.06 7.73 6.58
C LYS A 140 -16.90 9.15 6.03
N SER A 141 -15.95 9.91 6.58
CA SER A 141 -15.58 11.20 6.01
C SER A 141 -14.89 10.94 4.68
N GLU A 142 -15.69 10.78 3.63
CA GLU A 142 -15.19 10.34 2.33
C GLU A 142 -14.42 11.42 1.60
N LYS A 143 -13.67 12.25 2.34
CA LYS A 143 -12.80 13.23 1.72
C LYS A 143 -11.49 12.64 1.24
N THR A 144 -11.07 11.50 1.80
CA THR A 144 -9.82 10.87 1.43
C THR A 144 -10.01 10.03 0.17
N HIS A 145 -9.11 10.21 -0.80
CA HIS A 145 -9.18 9.42 -2.03
C HIS A 145 -8.74 7.99 -1.77
N ILE A 146 -9.42 7.05 -2.43
CA ILE A 146 -9.17 5.63 -2.28
C ILE A 146 -8.77 5.08 -3.64
N HIS A 147 -7.68 4.30 -3.67
CA HIS A 147 -7.15 3.74 -4.91
C HIS A 147 -6.74 2.29 -4.64
N ILE A 148 -7.37 1.36 -5.37
CA ILE A 148 -7.13 -0.07 -5.22
C ILE A 148 -6.35 -0.56 -6.42
N PHE A 149 -5.32 -1.38 -6.17
CA PHE A 149 -4.67 -2.16 -7.19
C PHE A 149 -4.91 -3.64 -6.91
N SER A 150 -4.73 -4.46 -7.93
CA SER A 150 -4.99 -5.89 -7.83
C SER A 150 -3.81 -6.67 -8.40
N PHE A 151 -3.65 -7.90 -7.91
CA PHE A 151 -2.57 -8.76 -8.39
C PHE A 151 -2.84 -9.30 -9.79
N THR A 152 -4.04 -9.14 -10.32
CA THR A 152 -4.36 -9.57 -11.68
C THR A 152 -4.32 -8.44 -12.70
N GLY A 153 -3.89 -7.24 -12.28
CA GLY A 153 -3.73 -6.14 -13.19
C GLY A 153 -4.91 -5.20 -13.28
N GLU A 154 -5.87 -5.28 -12.37
CA GLU A 154 -7.02 -4.40 -12.36
C GLU A 154 -6.83 -3.33 -11.28
N GLU A 155 -7.50 -2.20 -11.49
CA GLU A 155 -7.38 -1.06 -10.57
C GLU A 155 -8.74 -0.39 -10.46
N MET A 156 -8.86 0.50 -9.47
CA MET A 156 -10.15 1.01 -9.05
C MET A 156 -9.99 2.18 -8.09
N ALA A 157 -10.41 3.37 -8.51
CA ALA A 157 -10.17 4.58 -7.75
C ALA A 157 -11.46 5.36 -7.54
N THR A 158 -11.40 6.30 -6.59
CA THR A 158 -12.58 7.07 -6.20
C THR A 158 -12.96 8.07 -7.28
N LYS A 159 -14.25 8.12 -7.60
CA LYS A 159 -14.79 9.06 -8.59
C LYS A 159 -14.11 8.92 -9.95
N ALA A 160 -13.57 7.73 -10.24
CA ALA A 160 -12.82 7.46 -11.46
C ALA A 160 -11.63 8.39 -11.64
N ASP A 161 -11.21 9.09 -10.58
CA ASP A 161 -10.05 9.98 -10.63
C ASP A 161 -8.84 9.17 -10.19
N TYR A 162 -8.16 8.58 -11.17
CA TYR A 162 -7.02 7.70 -10.93
C TYR A 162 -5.72 8.46 -10.69
N THR A 163 -5.79 9.79 -10.53
CA THR A 163 -4.69 10.61 -10.03
C THR A 163 -3.50 10.67 -10.98
N LEU A 164 -2.83 9.54 -11.19
CA LEU A 164 -1.61 9.54 -11.99
C LEU A 164 -1.91 9.24 -13.46
N ASP A 165 -0.87 9.37 -14.29
CA ASP A 165 -0.97 9.00 -15.69
C ASP A 165 -0.97 7.49 -15.85
N GLU A 166 -1.40 7.04 -17.03
CA GLU A 166 -1.56 5.60 -17.25
C GLU A 166 -0.22 4.87 -17.19
N GLU A 167 0.86 5.51 -17.64
CA GLU A 167 2.15 4.83 -17.69
C GLU A 167 2.68 4.50 -16.29
N SER A 168 2.49 5.42 -15.34
CA SER A 168 2.93 5.13 -13.98
C SER A 168 2.07 4.06 -13.33
N ARG A 169 0.75 4.07 -13.59
CA ARG A 169 -0.12 3.06 -13.04
C ARG A 169 0.15 1.69 -13.65
N ALA A 170 0.46 1.65 -14.95
CA ALA A 170 0.73 0.37 -15.60
C ALA A 170 1.99 -0.27 -15.04
N ARG A 171 2.99 0.54 -14.69
CA ARG A 171 4.20 0.02 -14.09
C ARG A 171 3.88 -0.70 -12.78
N ILE A 172 2.91 -0.18 -12.01
CA ILE A 172 2.53 -0.80 -10.75
C ILE A 172 1.89 -2.16 -10.99
N LYS A 173 0.94 -2.23 -11.93
CA LYS A 173 0.27 -3.50 -12.20
C LYS A 173 1.25 -4.54 -12.74
N THR A 174 2.23 -4.12 -13.54
CA THR A 174 3.23 -5.05 -14.06
C THR A 174 4.03 -5.68 -12.93
N ARG A 175 4.49 -4.86 -11.98
CA ARG A 175 5.26 -5.39 -10.85
C ARG A 175 4.40 -6.32 -9.99
N LEU A 176 3.13 -5.96 -9.79
CA LEU A 176 2.25 -6.81 -8.99
C LEU A 176 2.09 -8.18 -9.61
N PHE A 177 1.96 -8.26 -10.93
CA PHE A 177 1.79 -9.56 -11.58
C PHE A 177 3.09 -10.35 -11.59
N THR A 178 4.24 -9.66 -11.58
CA THR A 178 5.51 -10.38 -11.45
C THR A 178 5.62 -11.05 -10.08
N ILE A 179 5.24 -10.34 -9.02
CA ILE A 179 5.28 -10.92 -7.68
C ILE A 179 4.36 -12.13 -7.60
N ARG A 180 3.16 -12.03 -8.16
CA ARG A 180 2.24 -13.16 -8.17
C ARG A 180 2.80 -14.31 -9.00
N GLN A 181 3.50 -13.99 -10.08
CA GLN A 181 4.10 -15.04 -10.91
C GLN A 181 5.25 -15.74 -10.18
N GLU A 182 6.15 -14.96 -9.58
CA GLU A 182 7.25 -15.56 -8.82
C GLU A 182 6.73 -16.34 -7.63
N MET A 183 5.66 -15.84 -7.00
CA MET A 183 5.04 -16.56 -5.89
C MET A 183 4.47 -17.89 -6.35
N ALA A 184 3.81 -17.90 -7.51
CA ALA A 184 3.22 -19.14 -8.02
C ALA A 184 4.29 -20.10 -8.53
N SER A 185 5.40 -19.59 -9.05
CA SER A 185 6.47 -20.46 -9.53
C SER A 185 7.07 -21.28 -8.39
N ARG A 186 7.07 -20.72 -7.17
CA ARG A 186 7.57 -21.42 -6.00
C ARG A 186 6.46 -22.14 -5.24
N SER A 187 5.26 -22.21 -5.82
CA SER A 187 4.10 -22.83 -5.17
C SER A 187 3.72 -22.11 -3.89
N LEU A 188 3.95 -20.80 -3.85
CA LEU A 188 3.60 -19.97 -2.71
C LEU A 188 2.33 -19.16 -2.91
N TRP A 189 1.89 -18.98 -4.16
CA TRP A 189 0.77 -18.08 -4.44
C TRP A 189 -0.54 -18.64 -3.92
N ASP A 190 -0.72 -19.96 -3.99
CA ASP A 190 -1.96 -20.56 -3.52
C ASP A 190 -2.20 -20.27 -2.05
N SER A 191 -1.15 -20.36 -1.23
CA SER A 191 -1.29 -20.01 0.17
C SER A 191 -1.47 -18.50 0.36
N PHE A 192 -0.88 -17.70 -0.51
CA PHE A 192 -1.00 -16.25 -0.39
C PHE A 192 -2.39 -15.77 -0.77
N ARG A 193 -3.00 -16.37 -1.79
CA ARG A 193 -4.34 -15.96 -2.19
C ARG A 193 -5.37 -16.37 -1.16
N GLN A 194 -5.36 -17.63 -0.75
CA GLN A 194 -6.34 -18.13 0.22
C GLN A 194 -5.91 -17.80 1.65
N SER A 195 -5.58 -16.53 1.90
CA SER A 195 -5.19 -16.08 3.24
C SER A 195 -5.64 -14.65 3.47
N GLU A 196 -5.75 -13.87 2.40
CA GLU A 196 -6.23 -12.50 2.50
C GLU A 196 -7.68 -12.48 2.98
MN MN B . -2.98 1.61 2.17
MN MN C . -1.40 2.86 5.41
C11 QQ4 D . 15.69 6.17 -3.72
C10 QQ4 D . 15.12 8.61 2.64
C01 QQ4 D . 14.29 5.64 -3.99
C02 QQ4 D . 13.71 5.07 -2.69
C03 QQ4 D . 12.20 5.27 -2.65
C04 QQ4 D . 11.66 5.19 -1.20
C05 QQ4 D . 11.69 6.48 -0.36
C06 QQ4 D . 12.72 6.33 0.76
C07 QQ4 D . 12.53 7.17 2.04
C08 QQ4 D . 13.59 6.69 3.04
C09 QQ4 D . 14.37 7.82 3.70
C22 QQ4 D . 14.01 4.93 -6.46
C23 QQ4 D . 14.78 3.25 -4.98
C24 QQ4 D . 14.68 2.63 -6.37
C25 QQ4 D . 14.68 3.85 -7.28
C26 QQ4 D . 10.76 4.51 -4.64
C27 QQ4 D . 10.71 3.20 -5.43
C28 QQ4 D . 10.90 2.12 -4.37
C29 QQ4 D . 11.68 2.81 -3.27
C30 QQ4 D . 13.22 8.28 -1.55
C31 QQ4 D . 12.93 9.49 -2.41
C32 QQ4 D . 11.50 9.84 -2.10
C33 QQ4 D . 10.86 8.48 -1.79
C34 QQ4 D . 10.81 5.74 3.41
C35 QQ4 D . 9.35 5.97 3.83
C36 QQ4 D . 9.07 7.43 3.67
C37 QQ4 D . 10.21 8.01 2.89
C38 QQ4 D . 13.26 10.12 4.17
C39 QQ4 D . 12.69 8.34 5.62
C40 QQ4 D . 11.93 9.57 6.09
C41 QQ4 D . 12.70 10.71 5.46
N03 QQ4 D . 14.36 4.65 -5.07
N04 QQ4 D . 11.58 4.26 -3.47
N05 QQ4 D . 11.93 7.68 -1.18
N06 QQ4 D . 11.26 6.98 2.72
N07 QQ4 D . 13.49 8.71 4.45
O02 QQ4 D . 15.13 2.68 -4.00
O03 QQ4 D . 12.27 2.27 -2.41
O04 QQ4 D . 14.31 7.91 -1.24
O06 QQ4 D . 10.25 9.11 2.47
O07 QQ4 D . 12.64 7.27 6.13
C11 SE9 E . -2.82 -0.61 5.94
C12 SE9 E . -2.95 0.02 4.59
C01 SE9 E . 1.18 -4.92 9.90
C03 SE9 E . -0.56 -3.58 10.75
C04 SE9 E . -1.04 -2.27 10.76
C05 SE9 E . -2.40 -2.03 10.84
C06 SE9 E . -2.95 -0.60 10.85
C07 SE9 E . -2.33 0.22 9.72
C09 SE9 E . -2.53 0.23 7.18
C14 SE9 E . -3.24 -0.86 3.42
C17 SE9 E . -3.26 -2.89 4.93
C19 SE9 E . -3.42 -4.40 5.13
C20 SE9 E . -2.67 -5.29 4.38
C21 SE9 E . -2.83 -6.65 4.58
C22 SE9 E . -3.73 -7.12 5.52
C23 SE9 E . -4.49 -6.22 6.27
C24 SE9 E . -4.33 -4.85 6.07
C25 SE9 E . -5.49 -6.71 7.31
C29 SE9 E . -3.24 -3.14 10.90
C30 SE9 E . -2.69 -4.42 10.89
F26 SE9 E . -5.76 -8.04 7.09
F27 SE9 E . -6.64 -5.99 7.19
F28 SE9 E . -4.96 -6.55 8.55
N08 SE9 E . -2.58 -0.45 8.47
N16 SE9 E . -3.39 -2.29 3.58
N18 SE9 E . -2.98 -2.03 6.11
N31 SE9 E . -1.38 -4.60 10.81
O02 SE9 E . 0.83 -3.80 10.67
O10 SE9 E . -2.27 1.38 7.11
O13 SE9 E . -2.81 1.39 4.42
O15 SE9 E . -3.35 -0.39 2.34
S SO4 F . -0.30 -15.88 7.36
O1 SO4 F . 0.99 -16.49 7.03
O2 SO4 F . -0.82 -16.49 8.58
O3 SO4 F . -1.25 -16.11 6.28
O4 SO4 F . -0.11 -14.45 7.55
#